data_4HWF
#
_entry.id   4HWF
#
_cell.length_a   55.807
_cell.length_b   55.807
_cell.length_c   173.516
_cell.angle_alpha   90.00
_cell.angle_beta   90.00
_cell.angle_gamma   120.00
#
_symmetry.space_group_name_H-M   'P 32 2 1'
#
loop_
_entity.id
_entity.type
_entity.pdbx_description
1 polymer 'BAG family molecular chaperone regulator 3'
2 non-polymer 'SULFATE ION'
3 water water
#
_entity_poly.entity_id   1
_entity_poly.type   'polypeptide(L)'
_entity_poly.pdbx_seq_one_letter_code
;GSASKSISDISFEVDRLAGQVSAFETVINKGGKVEEKSLVNLIEMLMNQLLRLDAIIADGDVKLMRKMQVQRVQKYVEAL
DLLKVKNS
;
_entity_poly.pdbx_strand_id   A,B
#
loop_
_chem_comp.id
_chem_comp.type
_chem_comp.name
_chem_comp.formula
SO4 non-polymer 'SULFATE ION' 'O4 S -2'
#
# COMPACT_ATOMS: atom_id res chain seq x y z
N SER A 2 10.24 21.34 10.57
CA SER A 2 11.26 20.30 10.39
C SER A 2 10.75 18.99 9.79
N ALA A 3 11.57 18.38 8.95
CA ALA A 3 11.24 17.12 8.30
C ALA A 3 11.03 16.03 9.35
N SER A 4 11.73 16.14 10.46
CA SER A 4 11.60 15.16 11.52
C SER A 4 10.20 15.12 12.12
N LYS A 5 9.68 16.29 12.49
CA LYS A 5 8.33 16.37 13.04
C LYS A 5 7.28 16.01 12.01
N SER A 6 7.51 16.36 10.75
CA SER A 6 6.58 15.99 9.69
C SER A 6 6.50 14.49 9.58
N ILE A 7 7.65 13.80 9.60
CA ILE A 7 7.65 12.35 9.52
C ILE A 7 6.92 11.73 10.72
N SER A 8 7.14 12.27 11.90
CA SER A 8 6.42 11.84 13.10
C SER A 8 4.91 11.93 12.93
N ASP A 9 4.43 13.06 12.43
CA ASP A 9 3.00 13.28 12.25
C ASP A 9 2.42 12.27 11.26
N ILE A 10 3.19 11.98 10.22
CA ILE A 10 2.75 11.00 9.24
C ILE A 10 2.64 9.64 9.88
N SER A 11 3.64 9.29 10.69
CA SER A 11 3.64 8.03 11.42
C SER A 11 2.37 7.92 12.28
N PHE A 12 2.10 8.97 13.05
CA PHE A 12 0.89 9.01 13.87
C PHE A 12 -0.37 8.83 13.02
N GLU A 13 -0.47 9.59 11.93
CA GLU A 13 -1.66 9.54 11.09
C GLU A 13 -1.84 8.18 10.43
N VAL A 14 -0.75 7.56 9.99
CA VAL A 14 -0.85 6.26 9.38
C VAL A 14 -1.29 5.21 10.40
N ASP A 15 -0.81 5.33 11.65
CA ASP A 15 -1.26 4.46 12.73
C ASP A 15 -2.79 4.54 12.87
N ARG A 16 -3.31 5.76 12.85
CA ARG A 16 -4.75 5.98 12.91
C ARG A 16 -5.50 5.32 11.77
N LEU A 17 -5.01 5.49 10.55
CA LEU A 17 -5.66 4.91 9.38
C LEU A 17 -5.61 3.38 9.42
N ALA A 18 -4.48 2.84 9.87
CA ALA A 18 -4.33 1.39 10.01
C ALA A 18 -5.35 0.86 11.01
N GLY A 19 -5.59 1.62 12.08
CA GLY A 19 -6.63 1.27 13.02
C GLY A 19 -8.00 1.19 12.34
N GLN A 20 -8.28 2.11 11.43
CA GLN A 20 -9.54 2.07 10.69
C GLN A 20 -9.62 0.86 9.75
N VAL A 21 -8.51 0.51 9.12
CA VAL A 21 -8.48 -0.67 8.26
C VAL A 21 -8.82 -1.93 9.06
N SER A 22 -8.16 -2.11 10.21
CA SER A 22 -8.42 -3.26 11.07
C SER A 22 -9.88 -3.37 11.43
N ALA A 23 -10.47 -2.23 11.79
CA ALA A 23 -11.89 -2.17 12.15
C ALA A 23 -12.79 -2.59 11.00
N PHE A 24 -12.49 -2.10 9.80
CA PHE A 24 -13.23 -2.54 8.61
C PHE A 24 -13.03 -4.03 8.36
N GLU A 25 -11.82 -4.55 8.55
CA GLU A 25 -11.59 -5.99 8.39
C GLU A 25 -12.48 -6.76 9.38
N THR A 26 -12.61 -6.24 10.60
CA THR A 26 -13.45 -6.88 11.61
C THR A 26 -14.91 -6.91 11.18
N VAL A 27 -15.41 -5.79 10.65
CA VAL A 27 -16.78 -5.74 10.14
C VAL A 27 -17.02 -6.84 9.13
N ILE A 28 -16.09 -6.99 8.19
CA ILE A 28 -16.19 -8.03 7.17
C ILE A 28 -16.12 -9.44 7.80
N ASN A 29 -15.22 -9.63 8.76
CA ASN A 29 -15.08 -10.94 9.41
C ASN A 29 -16.32 -11.35 10.22
N LYS A 30 -17.05 -10.36 10.73
CA LYS A 30 -18.28 -10.61 11.47
C LYS A 30 -19.50 -10.80 10.59
N GLY A 31 -19.31 -10.75 9.27
CA GLY A 31 -20.40 -10.97 8.33
C GLY A 31 -21.02 -9.70 7.76
N GLY A 32 -20.44 -8.55 8.09
CA GLY A 32 -21.03 -7.27 7.74
C GLY A 32 -20.78 -6.80 6.32
N LYS A 33 -21.61 -5.86 5.86
CA LYS A 33 -21.48 -5.28 4.52
C LYS A 33 -21.06 -3.82 4.61
N VAL A 34 -20.02 -3.45 3.88
CA VAL A 34 -19.57 -2.08 3.81
C VAL A 34 -19.61 -1.60 2.36
N GLU A 35 -19.76 -0.30 2.15
CA GLU A 35 -19.75 0.25 0.81
C GLU A 35 -18.32 0.36 0.27
N GLU A 36 -18.13 0.03 -0.99
CA GLU A 36 -16.81 0.08 -1.59
C GLU A 36 -16.19 1.48 -1.48
N LYS A 37 -17.03 2.51 -1.58
CA LYS A 37 -16.49 3.87 -1.53
C LYS A 37 -15.86 4.23 -0.18
N SER A 38 -16.30 3.60 0.91
CA SER A 38 -15.63 3.81 2.19
C SER A 38 -14.20 3.25 2.16
N LEU A 39 -14.01 2.14 1.47
CA LEU A 39 -12.69 1.54 1.36
C LEU A 39 -11.79 2.29 0.35
N VAL A 40 -12.39 2.75 -0.73
CA VAL A 40 -11.67 3.56 -1.72
C VAL A 40 -11.23 4.87 -1.12
N ASN A 41 -12.09 5.47 -0.29
CA ASN A 41 -11.72 6.70 0.39
C ASN A 41 -10.55 6.50 1.34
N LEU A 42 -10.53 5.37 2.03
CA LEU A 42 -9.45 5.04 2.95
C LEU A 42 -8.13 4.84 2.19
N ILE A 43 -8.20 4.17 1.06
CA ILE A 43 -7.04 4.00 0.20
C ILE A 43 -6.48 5.38 -0.17
N GLU A 44 -7.37 6.30 -0.54
CA GLU A 44 -6.92 7.64 -0.90
C GLU A 44 -6.25 8.35 0.27
N MET A 45 -6.79 8.18 1.48
CA MET A 45 -6.20 8.79 2.67
C MET A 45 -4.77 8.25 2.92
N LEU A 46 -4.60 6.94 2.76
CA LEU A 46 -3.29 6.32 2.91
C LEU A 46 -2.31 6.80 1.83
N MET A 47 -2.79 6.89 0.60
CA MET A 47 -1.96 7.34 -0.53
C MET A 47 -1.48 8.78 -0.32
N ASN A 48 -2.35 9.62 0.23
CA ASN A 48 -1.97 10.98 0.55
C ASN A 48 -0.83 11.06 1.56
N GLN A 49 -0.85 10.19 2.56
CA GLN A 49 0.22 10.15 3.55
C GLN A 49 1.52 9.66 2.91
N LEU A 50 1.40 8.67 2.02
CA LEU A 50 2.56 8.11 1.35
C LEU A 50 3.24 9.16 0.48
N LEU A 51 2.44 9.96 -0.22
CA LEU A 51 2.98 11.01 -1.05
C LEU A 51 3.66 12.09 -0.22
N ARG A 52 3.05 12.50 0.90
CA ARG A 52 3.69 13.47 1.78
C ARG A 52 5.05 12.96 2.28
N LEU A 53 5.10 11.67 2.60
CA LEU A 53 6.32 11.07 3.14
C LEU A 53 7.42 11.09 2.08
N ASP A 54 7.07 10.64 0.89
CA ASP A 54 7.99 10.61 -0.25
C ASP A 54 8.52 12.01 -0.59
N ALA A 55 7.65 13.01 -0.54
CA ALA A 55 8.06 14.39 -0.83
C ALA A 55 9.13 14.85 0.18
N ILE A 56 8.99 14.41 1.43
CA ILE A 56 9.98 14.70 2.45
C ILE A 56 11.31 13.95 2.20
N ILE A 57 11.20 12.66 1.98
CA ILE A 57 12.37 11.84 1.73
C ILE A 57 13.17 12.34 0.52
N ALA A 58 12.47 12.64 -0.58
CA ALA A 58 13.12 13.08 -1.81
C ALA A 58 13.41 14.57 -1.86
N ASP A 59 13.05 15.29 -0.80
CA ASP A 59 13.12 16.75 -0.79
C ASP A 59 12.49 17.32 -2.08
N GLY A 60 11.36 16.72 -2.48
CA GLY A 60 10.55 17.24 -3.57
C GLY A 60 10.97 16.86 -4.98
N ASP A 61 12.02 16.05 -5.11
CA ASP A 61 12.50 15.63 -6.42
C ASP A 61 11.56 14.59 -7.00
N VAL A 62 10.80 14.96 -8.02
CA VAL A 62 9.71 14.10 -8.49
C VAL A 62 10.24 12.84 -9.18
N LYS A 63 11.43 12.92 -9.75
CA LYS A 63 12.06 11.74 -10.34
C LYS A 63 12.41 10.71 -9.27
N LEU A 64 13.01 11.14 -8.15
CA LEU A 64 13.29 10.22 -7.05
C LEU A 64 11.99 9.64 -6.49
N MET A 65 10.95 10.48 -6.35
CA MET A 65 9.66 10.03 -5.82
C MET A 65 9.04 8.91 -6.66
N ARG A 66 8.97 9.11 -7.97
CA ARG A 66 8.43 8.08 -8.83
C ARG A 66 9.25 6.80 -8.74
N LYS A 67 10.57 6.96 -8.67
CA LYS A 67 11.49 5.83 -8.57
C LYS A 67 11.30 5.03 -7.28
N MET A 68 11.22 5.72 -6.15
CA MET A 68 10.95 5.07 -4.86
C MET A 68 9.64 4.27 -4.90
N GLN A 69 8.59 4.87 -5.48
CA GLN A 69 7.29 4.19 -5.57
C GLN A 69 7.32 2.95 -6.46
N VAL A 70 7.95 3.05 -7.63
CA VAL A 70 8.07 1.88 -8.50
C VAL A 70 8.85 0.77 -7.80
N GLN A 71 9.90 1.15 -7.08
CA GLN A 71 10.73 0.18 -6.35
C GLN A 71 9.98 -0.57 -5.25
N ARG A 72 9.23 0.15 -4.43
CA ARG A 72 8.61 -0.46 -3.26
C ARG A 72 7.43 -1.36 -3.64
N VAL A 73 6.84 -1.10 -4.79
CA VAL A 73 5.67 -1.86 -5.23
C VAL A 73 6.05 -3.27 -5.71
N GLN A 74 7.30 -3.44 -6.12
CA GLN A 74 7.76 -4.68 -6.77
C GLN A 74 7.60 -5.91 -5.88
N LYS A 75 8.00 -5.79 -4.62
CA LYS A 75 7.82 -6.85 -3.63
C LYS A 75 6.42 -7.50 -3.66
N TYR A 76 5.38 -6.67 -3.76
CA TYR A 76 4.00 -7.17 -3.76
C TYR A 76 3.56 -7.69 -5.10
N VAL A 77 3.93 -6.99 -6.16
CA VAL A 77 3.59 -7.45 -7.50
C VAL A 77 4.25 -8.83 -7.75
N GLU A 78 5.44 -9.04 -7.22
CA GLU A 78 6.14 -10.31 -7.44
C GLU A 78 5.47 -11.45 -6.68
N ALA A 79 5.07 -11.22 -5.44
CA ALA A 79 4.36 -12.23 -4.67
C ALA A 79 3.02 -12.58 -5.31
N LEU A 80 2.34 -11.58 -5.86
CA LEU A 80 1.05 -11.80 -6.53
C LEU A 80 1.22 -12.52 -7.86
N ASP A 81 2.32 -12.26 -8.55
CA ASP A 81 2.65 -13.01 -9.75
C ASP A 81 2.92 -14.50 -9.44
N LEU A 82 3.71 -14.75 -8.41
CA LEU A 82 3.98 -16.12 -8.00
C LEU A 82 2.66 -16.86 -7.68
N LEU A 83 1.76 -16.19 -6.97
CA LEU A 83 0.46 -16.75 -6.64
C LEU A 83 -0.39 -17.09 -7.86
N LYS A 84 -0.37 -16.24 -8.87
CA LYS A 84 -1.14 -16.51 -10.07
C LYS A 84 -0.63 -17.75 -10.80
N VAL A 85 0.70 -17.89 -10.87
CA VAL A 85 1.28 -19.05 -11.54
C VAL A 85 1.12 -20.32 -10.68
N LYS A 86 1.35 -20.19 -9.38
CA LYS A 86 1.17 -21.29 -8.42
C LYS A 86 -0.22 -21.84 -8.58
N ASN A 87 -1.19 -20.94 -8.68
CA ASN A 87 -2.55 -21.30 -9.05
C ASN A 87 -3.14 -22.33 -8.09
N SER A 88 -3.10 -21.98 -6.80
CA SER A 88 -3.73 -22.73 -5.71
C SER A 88 -2.72 -23.43 -4.83
N SER B 2 -12.19 -14.84 2.47
CA SER B 2 -11.61 -14.75 1.14
C SER B 2 -10.55 -13.65 1.07
N ALA B 3 -10.90 -12.44 1.47
CA ALA B 3 -9.91 -11.37 1.60
C ALA B 3 -8.89 -11.78 2.65
N SER B 4 -9.39 -12.26 3.78
CA SER B 4 -8.56 -12.71 4.88
C SER B 4 -7.63 -13.84 4.43
N LYS B 5 -8.17 -14.76 3.65
CA LYS B 5 -7.38 -15.89 3.16
C LYS B 5 -6.26 -15.45 2.23
N SER B 6 -6.58 -14.60 1.27
CA SER B 6 -5.58 -14.09 0.34
C SER B 6 -4.48 -13.30 1.04
N ILE B 7 -4.85 -12.51 2.05
CA ILE B 7 -3.86 -11.78 2.80
C ILE B 7 -2.85 -12.74 3.45
N SER B 8 -3.33 -13.84 4.01
CA SER B 8 -2.43 -14.80 4.64
C SER B 8 -1.62 -15.56 3.57
N ASP B 9 -2.24 -15.87 2.44
CA ASP B 9 -1.51 -16.48 1.34
C ASP B 9 -0.36 -15.57 0.89
N ILE B 10 -0.68 -14.31 0.58
CA ILE B 10 0.32 -13.36 0.13
C ILE B 10 1.42 -13.22 1.15
N SER B 11 1.02 -13.07 2.41
CA SER B 11 1.99 -12.96 3.49
C SER B 11 2.95 -14.15 3.48
N PHE B 12 2.40 -15.34 3.22
CA PHE B 12 3.21 -16.56 3.19
C PHE B 12 4.27 -16.48 2.09
N GLU B 13 3.87 -16.11 0.89
CA GLU B 13 4.80 -16.04 -0.25
C GLU B 13 5.84 -14.91 -0.08
N VAL B 14 5.39 -13.76 0.41
CA VAL B 14 6.32 -12.67 0.70
C VAL B 14 7.44 -13.10 1.68
N ASP B 15 7.05 -13.80 2.75
CA ASP B 15 8.04 -14.27 3.73
C ASP B 15 8.99 -15.27 3.10
N ARG B 16 8.44 -16.11 2.23
CA ARG B 16 9.20 -17.13 1.52
C ARG B 16 10.22 -16.50 0.59
N LEU B 17 9.76 -15.54 -0.21
CA LEU B 17 10.63 -14.84 -1.15
C LEU B 17 11.72 -14.08 -0.42
N ALA B 18 11.34 -13.43 0.68
CA ALA B 18 12.30 -12.75 1.54
C ALA B 18 13.12 -11.72 0.79
N GLY B 19 12.46 -10.93 -0.04
CA GLY B 19 13.16 -9.92 -0.81
C GLY B 19 12.60 -9.81 -2.21
N GLN B 20 12.96 -8.74 -2.90
CA GLN B 20 12.59 -8.58 -4.30
C GLN B 20 13.58 -9.37 -5.17
N VAL B 21 13.11 -9.82 -6.33
CA VAL B 21 13.95 -10.52 -7.28
C VAL B 21 14.81 -9.50 -8.02
N SER B 22 16.11 -9.50 -7.71
CA SER B 22 17.01 -8.47 -8.24
C SER B 22 17.10 -8.54 -9.76
N ALA B 23 17.04 -9.75 -10.31
CA ALA B 23 17.03 -9.93 -11.76
C ALA B 23 15.84 -9.27 -12.41
N PHE B 24 14.75 -9.10 -11.67
CA PHE B 24 13.59 -8.42 -12.22
C PHE B 24 13.74 -6.92 -11.96
N GLU B 36 11.56 -2.49 14.54
CA GLU B 36 10.75 -1.95 15.65
C GLU B 36 9.88 -0.79 15.15
N LYS B 37 10.38 0.43 15.35
CA LYS B 37 9.77 1.61 14.76
C LYS B 37 10.83 2.29 13.90
N SER B 38 10.61 2.28 12.59
CA SER B 38 11.59 2.85 11.67
C SER B 38 10.93 3.39 10.40
N LEU B 39 11.70 4.14 9.62
CA LEU B 39 11.24 4.66 8.35
C LEU B 39 10.79 3.52 7.43
N VAL B 40 11.63 2.49 7.32
CA VAL B 40 11.29 1.35 6.46
C VAL B 40 10.04 0.61 6.96
N ASN B 41 9.84 0.58 8.27
CA ASN B 41 8.66 -0.07 8.83
C ASN B 41 7.38 0.75 8.64
N LEU B 42 7.49 2.07 8.76
CA LEU B 42 6.39 2.96 8.39
C LEU B 42 5.92 2.70 6.97
N ILE B 43 6.85 2.74 6.02
CA ILE B 43 6.50 2.51 4.62
C ILE B 43 5.86 1.14 4.42
N GLU B 44 6.45 0.12 5.05
CA GLU B 44 5.90 -1.22 4.96
C GLU B 44 4.49 -1.30 5.56
N MET B 45 4.26 -0.65 6.70
CA MET B 45 2.92 -0.66 7.30
C MET B 45 1.92 -0.06 6.32
N LEU B 46 2.30 1.05 5.70
CA LEU B 46 1.42 1.71 4.75
C LEU B 46 1.09 0.84 3.54
N MET B 47 2.10 0.22 2.95
CA MET B 47 1.89 -0.67 1.81
C MET B 47 1.02 -1.86 2.22
N ASN B 48 1.23 -2.36 3.43
CA ASN B 48 0.42 -3.45 3.94
C ASN B 48 -1.06 -3.07 4.10
N GLN B 49 -1.34 -1.85 4.58
CA GLN B 49 -2.73 -1.41 4.70
C GLN B 49 -3.40 -1.33 3.34
N LEU B 50 -2.67 -0.80 2.35
CA LEU B 50 -3.19 -0.71 0.99
C LEU B 50 -3.53 -2.09 0.44
N LEU B 51 -2.63 -3.04 0.67
CA LEU B 51 -2.87 -4.41 0.24
C LEU B 51 -4.13 -5.00 0.92
N ARG B 52 -4.28 -4.74 2.22
CA ARG B 52 -5.44 -5.25 2.94
C ARG B 52 -6.74 -4.67 2.39
N LEU B 53 -6.72 -3.41 1.99
CA LEU B 53 -7.92 -2.78 1.44
C LEU B 53 -8.21 -3.34 0.06
N ASP B 54 -7.16 -3.52 -0.73
CA ASP B 54 -7.28 -4.15 -2.03
C ASP B 54 -7.94 -5.52 -1.90
N ALA B 55 -7.54 -6.26 -0.88
CA ALA B 55 -8.05 -7.63 -0.70
C ALA B 55 -9.55 -7.60 -0.44
N ILE B 56 -10.00 -6.69 0.43
CA ILE B 56 -11.41 -6.58 0.73
C ILE B 56 -12.19 -6.22 -0.53
N ILE B 57 -11.73 -5.19 -1.24
CA ILE B 57 -12.41 -4.75 -2.44
C ILE B 57 -12.46 -5.83 -3.52
N ALA B 58 -11.38 -6.59 -3.63
CA ALA B 58 -11.29 -7.62 -4.67
C ALA B 58 -11.88 -8.94 -4.20
N ASP B 59 -12.29 -9.00 -2.93
CA ASP B 59 -12.73 -10.26 -2.33
C ASP B 59 -11.66 -11.34 -2.47
N GLY B 60 -10.40 -10.97 -2.25
CA GLY B 60 -9.31 -11.92 -2.26
C GLY B 60 -8.82 -12.35 -3.62
N ASP B 61 -9.49 -11.90 -4.67
CA ASP B 61 -9.14 -12.29 -6.03
C ASP B 61 -7.75 -11.78 -6.47
N VAL B 62 -6.82 -12.71 -6.68
CA VAL B 62 -5.42 -12.38 -6.94
C VAL B 62 -5.21 -11.61 -8.24
N LYS B 63 -5.90 -12.02 -9.30
CA LYS B 63 -5.83 -11.32 -10.57
C LYS B 63 -6.25 -9.86 -10.44
N LEU B 64 -7.34 -9.65 -9.70
CA LEU B 64 -7.85 -8.30 -9.48
C LEU B 64 -6.88 -7.48 -8.62
N MET B 65 -6.35 -8.10 -7.57
CA MET B 65 -5.42 -7.42 -6.69
C MET B 65 -4.17 -6.99 -7.47
N ARG B 66 -3.77 -7.82 -8.43
CA ARG B 66 -2.58 -7.55 -9.22
C ARG B 66 -2.81 -6.33 -10.12
N LYS B 67 -4.00 -6.24 -10.70
CA LYS B 67 -4.36 -5.08 -11.50
C LYS B 67 -4.39 -3.80 -10.66
N MET B 68 -4.86 -3.93 -9.41
CA MET B 68 -4.90 -2.80 -8.48
C MET B 68 -3.50 -2.29 -8.17
N GLN B 69 -2.54 -3.19 -8.06
CA GLN B 69 -1.14 -2.80 -7.83
C GLN B 69 -0.58 -1.96 -8.97
N VAL B 70 -0.86 -2.37 -10.19
CA VAL B 70 -0.42 -1.62 -11.37
C VAL B 70 -1.07 -0.24 -11.43
N GLN B 71 -2.39 -0.22 -11.33
CA GLN B 71 -3.13 1.01 -11.38
C GLN B 71 -2.69 1.97 -10.28
N ARG B 72 -2.13 1.43 -9.20
CA ARG B 72 -1.69 2.26 -8.09
C ARG B 72 -0.45 3.11 -8.41
N VAL B 73 0.40 2.63 -9.30
CA VAL B 73 1.55 3.45 -9.71
C VAL B 73 1.07 4.63 -10.56
N GLN B 74 0.08 4.38 -11.42
CA GLN B 74 -0.53 5.45 -12.19
C GLN B 74 -1.24 6.42 -11.26
N LYS B 75 -1.94 5.90 -10.26
CA LYS B 75 -2.65 6.78 -9.34
C LYS B 75 -1.71 7.62 -8.50
N TYR B 76 -0.56 7.04 -8.13
CA TYR B 76 0.49 7.76 -7.43
C TYR B 76 0.99 8.95 -8.27
N VAL B 77 1.28 8.70 -9.53
CA VAL B 77 1.76 9.75 -10.44
C VAL B 77 0.73 10.86 -10.63
N GLU B 78 -0.54 10.49 -10.77
CA GLU B 78 -1.62 11.46 -10.88
C GLU B 78 -1.73 12.38 -9.66
N ALA B 79 -1.63 11.80 -8.46
CA ALA B 79 -1.66 12.60 -7.25
C ALA B 79 -0.39 13.43 -7.11
N LEU B 80 0.74 12.84 -7.48
CA LEU B 80 2.01 13.54 -7.43
C LEU B 80 1.95 14.80 -8.34
N ASP B 81 1.35 14.64 -9.50
CA ASP B 81 1.27 15.73 -10.47
C ASP B 81 0.31 16.87 -10.04
N LEU B 82 -0.43 16.66 -8.96
CA LEU B 82 -1.30 17.70 -8.42
C LEU B 82 -0.70 18.49 -7.26
N LEU B 83 0.42 18.03 -6.74
CA LEU B 83 1.10 18.73 -5.65
C LEU B 83 1.61 20.08 -6.11
N LYS B 84 1.59 21.07 -5.21
CA LYS B 84 2.11 22.39 -5.50
C LYS B 84 3.58 22.34 -5.85
N VAL B 85 3.98 23.15 -6.82
CA VAL B 85 5.36 23.15 -7.25
C VAL B 85 6.13 24.32 -6.70
N LYS B 86 7.44 24.25 -6.85
CA LYS B 86 8.27 25.42 -6.67
C LYS B 86 9.30 25.45 -7.80
N ASN B 87 9.75 26.66 -8.10
CA ASN B 87 10.88 26.88 -9.00
C ASN B 87 12.17 26.54 -8.29
S SO4 C . -11.54 -9.97 13.92
O1 SO4 C . -11.39 -8.97 12.85
O2 SO4 C . -10.29 -10.72 14.05
O3 SO4 C . -11.84 -9.29 15.19
O4 SO4 C . -12.66 -10.88 13.60
S SO4 D . 13.21 -5.57 -0.14
O1 SO4 D . 14.11 -6.42 -0.95
O2 SO4 D . 14.05 -4.68 0.69
O3 SO4 D . 12.39 -6.41 0.73
O4 SO4 D . 12.36 -4.77 -1.02
#